data_2X12
#
_entry.id   2X12
#
_cell.length_a   108.668
_cell.length_b   108.668
_cell.length_c   126.252
_cell.angle_alpha   90.00
_cell.angle_beta   90.00
_cell.angle_gamma   120.00
#
_symmetry.space_group_name_H-M   'P 32 2 1'
#
_entity_poly.entity_id   1
_entity_poly.type   'polypeptide(L)'
_entity_poly.pdbx_seq_one_letter_code
;(MSE)RGSHHHHHHGLVPRGSGAASGNKATSKGTEEKQDSVRENLDK(MSE)ISEAEVLND(MSE)AARKLITLDAEQQL
EL(MSE)KSLVATQSQLEATKNLIGDPNATVADLQIAYTTLGNNTQALGNELIKLNPNGQIYAVLNNTEASRAATLRSTT
TGTKTTFTISDFSNGGTQYYWAGGNANNLKNPISSISAVYDSATGKISWTVEYDPTTILKSPALKTLKTYTGIYIDTSSD
SKLSTPTNVLIDGAATNPVTNFYGNGSKGIEYVSKGTTKGVTKHTITFDTAFSGRANDLADLEIK(MSE)LAATTLSDPH
FYEDGSKGNYGRYNGQTAPYVIANDSGTAIGGYQVSGVNADSIPSDTT
;
_entity_poly.pdbx_strand_id   A,B
#
# COMPACT_ATOMS: atom_id res chain seq x y z
N THR A 147 -16.51 22.99 -4.31
CA THR A 147 -16.79 21.55 -4.57
C THR A 147 -15.67 20.66 -3.96
N LYS A 148 -15.81 19.34 -4.07
CA LYS A 148 -15.10 18.43 -3.18
C LYS A 148 -13.99 17.63 -3.84
N THR A 149 -12.99 17.23 -3.07
CA THR A 149 -11.93 16.41 -3.60
C THR A 149 -11.68 15.26 -2.65
N THR A 150 -11.49 14.06 -3.18
CA THR A 150 -11.14 12.95 -2.32
C THR A 150 -9.64 12.71 -2.35
N PHE A 151 -9.06 12.61 -1.16
CA PHE A 151 -7.64 12.27 -1.01
C PHE A 151 -7.55 10.90 -0.43
N THR A 152 -6.55 10.14 -0.88
CA THR A 152 -6.22 8.86 -0.29
C THR A 152 -4.74 8.89 0.14
N ILE A 153 -4.29 7.85 0.85
CA ILE A 153 -2.93 7.74 1.34
C ILE A 153 -2.01 8.11 0.24
N SER A 154 -2.29 7.64 -0.97
CA SER A 154 -1.36 7.89 -2.04
C SER A 154 -1.24 9.38 -2.40
N ASP A 155 -2.12 10.20 -1.84
CA ASP A 155 -2.05 11.64 -2.01
C ASP A 155 -1.19 12.31 -0.90
N PHE A 156 -0.71 11.50 0.05
CA PHE A 156 0.17 11.98 1.06
C PHE A 156 1.57 11.39 1.02
N SER A 157 1.81 10.42 0.13
CA SER A 157 3.15 9.86 -0.11
C SER A 157 4.35 10.68 0.39
N ASN A 158 4.42 11.94 -0.07
CA ASN A 158 5.66 12.70 0.01
C ASN A 158 6.05 13.08 1.41
N GLY A 159 5.11 13.65 2.12
CA GLY A 159 5.37 13.96 3.50
C GLY A 159 4.68 12.97 4.37
N GLY A 160 5.26 12.74 5.53
CA GLY A 160 4.60 11.81 6.48
C GLY A 160 4.44 10.34 6.06
N THR A 161 3.96 9.59 7.05
CA THR A 161 4.48 8.29 7.45
C THR A 161 3.37 7.32 7.71
N GLN A 162 3.51 6.08 7.24
CA GLN A 162 2.56 5.03 7.57
C GLN A 162 3.19 4.25 8.71
N TYR A 163 2.36 3.78 9.62
CA TYR A 163 2.82 3.12 10.82
C TYR A 163 2.24 1.71 10.92
N TYR A 164 3.07 0.73 11.22
CA TYR A 164 2.66 -0.65 11.15
C TYR A 164 2.63 -1.25 12.55
N TRP A 165 2.38 -2.54 12.63
CA TRP A 165 2.37 -3.24 13.91
C TRP A 165 3.23 -4.51 13.80
N ALA A 166 4.29 -4.55 14.59
CA ALA A 166 4.93 -5.81 14.97
C ALA A 166 4.28 -6.08 16.28
N GLY A 167 4.07 -7.36 16.56
CA GLY A 167 3.47 -7.73 17.83
C GLY A 167 4.65 -8.11 18.65
N GLY A 168 4.78 -9.40 18.93
CA GLY A 168 6.02 -9.90 19.50
C GLY A 168 7.11 -10.19 18.45
N ASN A 169 7.07 -9.53 17.28
CA ASN A 169 7.91 -9.93 16.15
C ASN A 169 8.17 -8.81 15.15
N ALA A 170 9.19 -8.01 15.42
CA ALA A 170 9.62 -6.99 14.48
C ALA A 170 10.00 -7.52 13.08
N ASN A 171 10.04 -8.84 12.89
CA ASN A 171 10.35 -9.40 11.57
C ASN A 171 9.11 -9.87 10.83
N ASN A 172 7.95 -9.52 11.37
CA ASN A 172 6.69 -9.91 10.77
C ASN A 172 5.72 -8.78 10.84
N LEU A 173 6.11 -7.66 10.24
CA LEU A 173 5.29 -6.46 10.34
C LEU A 173 4.00 -6.69 9.61
N LYS A 174 2.97 -6.01 10.09
CA LYS A 174 1.63 -6.08 9.56
C LYS A 174 0.93 -4.73 9.56
N ASN A 175 0.11 -4.52 8.52
CA ASN A 175 -0.63 -3.26 8.30
C ASN A 175 -2.08 -3.48 8.53
N PRO A 176 -2.62 -2.86 9.56
CA PRO A 176 -4.04 -3.01 9.84
C PRO A 176 -4.89 -1.88 9.24
N ILE A 177 -4.30 -1.05 8.39
CA ILE A 177 -5.08 -0.03 7.70
C ILE A 177 -5.33 -0.41 6.21
N SER A 178 -6.57 -0.80 5.88
CA SER A 178 -6.96 -1.03 4.48
C SER A 178 -6.86 0.27 3.69
N SER A 179 -7.28 1.39 4.28
CA SER A 179 -7.33 2.65 3.51
C SER A 179 -7.59 3.89 4.39
N ILE A 180 -7.16 5.04 3.93
CA ILE A 180 -7.60 6.29 4.55
C ILE A 180 -8.06 7.19 3.42
N SER A 181 -9.14 7.93 3.66
CA SER A 181 -9.77 8.66 2.61
C SER A 181 -10.27 9.90 3.27
N ALA A 182 -10.00 11.06 2.66
CA ALA A 182 -10.46 12.34 3.19
C ALA A 182 -11.12 13.14 2.09
N VAL A 183 -12.35 13.61 2.34
CA VAL A 183 -13.12 14.43 1.38
C VAL A 183 -13.08 15.84 1.87
N TYR A 184 -12.41 16.69 1.11
CA TYR A 184 -12.19 18.11 1.47
C TYR A 184 -13.14 18.95 0.66
N ASP A 185 -13.91 19.82 1.31
CA ASP A 185 -14.81 20.75 0.59
C ASP A 185 -14.20 22.12 0.51
N SER A 186 -13.84 22.57 -0.70
CA SER A 186 -13.17 23.87 -0.80
C SER A 186 -14.06 25.01 -0.29
N ALA A 187 -15.38 24.92 -0.45
CA ALA A 187 -16.27 26.02 -0.01
C ALA A 187 -16.33 26.21 1.52
N THR A 188 -16.41 25.12 2.28
CA THR A 188 -16.53 25.26 3.74
C THR A 188 -15.22 24.99 4.45
N GLY A 189 -14.33 24.22 3.86
CA GLY A 189 -13.10 23.87 4.53
C GLY A 189 -13.24 22.62 5.38
N LYS A 190 -14.41 22.00 5.36
CA LYS A 190 -14.62 20.75 6.07
C LYS A 190 -13.86 19.63 5.40
N ILE A 191 -13.19 18.82 6.20
CA ILE A 191 -12.62 17.57 5.73
C ILE A 191 -13.22 16.40 6.48
N SER A 192 -13.70 15.42 5.75
CA SER A 192 -14.36 14.25 6.33
C SER A 192 -13.48 13.04 6.13
N TRP A 193 -13.08 12.42 7.22
CA TRP A 193 -12.13 11.33 7.16
C TRP A 193 -12.82 10.00 7.26
N THR A 194 -12.21 9.02 6.63
CA THR A 194 -12.70 7.67 6.71
C THR A 194 -11.49 6.78 6.79
N VAL A 195 -11.38 6.02 7.89
CA VAL A 195 -10.32 5.02 8.07
C VAL A 195 -10.98 3.66 8.07
N GLU A 196 -10.39 2.78 7.28
CA GLU A 196 -10.84 1.42 7.20
C GLU A 196 -9.80 0.62 7.91
N TYR A 197 -10.15 0.20 9.12
CA TYR A 197 -9.33 -0.60 10.02
C TYR A 197 -9.68 -2.08 9.89
N ASP A 198 -8.66 -2.92 9.74
CA ASP A 198 -8.83 -4.38 9.66
C ASP A 198 -7.87 -5.15 10.53
N PRO A 199 -8.18 -5.31 11.79
CA PRO A 199 -7.26 -6.01 12.67
C PRO A 199 -7.36 -7.52 12.54
N THR A 200 -8.29 -7.93 11.71
CA THR A 200 -8.60 -9.29 11.45
C THR A 200 -7.43 -10.17 11.13
N THR A 201 -6.37 -9.62 10.56
CA THR A 201 -5.22 -10.50 10.22
C THR A 201 -4.23 -10.59 11.37
N ILE A 202 -3.96 -9.47 12.02
CA ILE A 202 -3.15 -9.50 13.21
C ILE A 202 -3.80 -10.41 14.25
N LEU A 203 -5.10 -10.26 14.47
CA LEU A 203 -5.85 -10.98 15.53
C LEU A 203 -6.60 -12.18 14.95
N LYS A 204 -5.86 -12.98 14.23
CA LYS A 204 -6.30 -14.24 13.62
C LYS A 204 -6.96 -15.17 14.59
N SER A 205 -6.40 -15.29 15.79
CA SER A 205 -6.75 -16.46 16.62
C SER A 205 -8.25 -16.61 16.92
N PRO A 206 -8.71 -17.85 16.94
CA PRO A 206 -10.02 -18.24 17.35
C PRO A 206 -10.21 -18.21 18.85
N ALA A 207 -9.13 -18.18 19.61
CA ALA A 207 -9.28 -18.04 21.03
C ALA A 207 -9.92 -16.72 21.39
N LEU A 208 -9.98 -15.77 20.44
CA LEU A 208 -10.50 -14.39 20.62
C LEU A 208 -12.02 -14.25 20.32
N LYS A 209 -12.62 -15.25 19.67
CA LYS A 209 -14.00 -15.16 19.20
C LYS A 209 -15.00 -14.81 20.33
N THR A 210 -14.70 -15.18 21.57
CA THR A 210 -15.66 -14.95 22.67
C THR A 210 -15.51 -13.59 23.31
N LEU A 211 -14.54 -12.81 22.87
CA LEU A 211 -14.22 -11.59 23.57
C LEU A 211 -15.07 -10.44 23.16
N LYS A 212 -15.13 -9.42 24.01
CA LYS A 212 -15.93 -8.27 23.74
C LYS A 212 -14.99 -7.12 23.52
N THR A 213 -14.64 -6.92 22.27
CA THR A 213 -13.61 -5.99 21.90
C THR A 213 -14.07 -4.56 21.73
N TYR A 214 -13.13 -3.66 21.99
CA TYR A 214 -13.33 -2.25 21.76
C TYR A 214 -12.39 -1.77 20.66
N THR A 215 -12.85 -0.81 19.85
CA THR A 215 -11.98 -0.21 18.88
C THR A 215 -11.79 1.26 19.23
N GLY A 216 -10.64 1.82 18.87
CA GLY A 216 -10.40 3.20 19.18
C GLY A 216 -9.55 3.84 18.12
N ILE A 217 -9.65 5.18 18.01
CA ILE A 217 -8.87 5.97 17.05
C ILE A 217 -8.23 7.08 17.83
N TYR A 218 -6.91 7.16 17.80
CA TYR A 218 -6.24 8.28 18.45
C TYR A 218 -6.04 9.27 17.34
N ILE A 219 -6.37 10.54 17.59
CA ILE A 219 -6.24 11.56 16.60
C ILE A 219 -5.66 12.82 17.21
N ASP A 220 -4.66 13.39 16.53
CA ASP A 220 -3.98 14.58 17.06
C ASP A 220 -3.98 15.64 15.94
N THR A 221 -4.59 16.78 16.22
CA THR A 221 -4.58 17.88 15.29
C THR A 221 -3.87 19.10 15.86
N SER A 222 -3.01 18.85 16.84
CA SER A 222 -2.43 19.93 17.59
C SER A 222 -1.24 20.61 16.87
N SER A 223 -0.60 19.93 15.92
CA SER A 223 0.52 20.55 15.22
C SER A 223 0.03 21.50 14.16
N ASP A 224 -1.25 21.42 13.79
CA ASP A 224 -1.82 22.38 12.84
C ASP A 224 -2.78 23.32 13.57
N SER A 225 -2.48 24.58 13.37
CA SER A 225 -3.23 25.62 13.96
C SER A 225 -4.39 25.95 13.05
N LYS A 226 -4.42 25.40 11.85
CA LYS A 226 -5.53 25.66 10.93
C LYS A 226 -6.57 24.55 10.99
N LEU A 227 -6.16 23.45 11.58
CA LEU A 227 -7.02 22.30 11.70
C LEU A 227 -7.43 22.20 13.14
N SER A 228 -8.73 22.09 13.31
CA SER A 228 -9.36 22.17 14.62
C SER A 228 -9.52 20.76 15.15
N THR A 229 -9.82 20.58 16.42
CA THR A 229 -10.00 19.20 16.89
C THR A 229 -11.12 18.57 16.08
N PRO A 230 -11.23 17.23 16.12
CA PRO A 230 -12.23 16.55 15.30
C PRO A 230 -13.62 16.52 15.93
N THR A 231 -14.64 16.46 15.08
CA THR A 231 -16.00 16.40 15.54
C THR A 231 -16.68 15.16 14.97
N ASN A 232 -17.82 14.82 15.55
CA ASN A 232 -18.66 13.75 15.05
C ASN A 232 -17.84 12.47 14.81
N VAL A 233 -17.01 12.12 15.79
CA VAL A 233 -16.15 10.95 15.62
C VAL A 233 -16.96 9.70 15.85
N LEU A 234 -17.05 8.85 14.83
CA LEU A 234 -17.89 7.67 14.91
C LEU A 234 -17.10 6.43 14.62
N ILE A 235 -17.53 5.29 15.12
CA ILE A 235 -17.00 4.00 14.66
C ILE A 235 -18.15 3.09 14.33
N ASP A 236 -18.09 2.45 13.17
CA ASP A 236 -19.22 1.67 12.64
C ASP A 236 -20.54 2.45 12.74
N GLY A 237 -20.47 3.77 12.52
CA GLY A 237 -21.63 4.64 12.62
C GLY A 237 -22.16 4.92 14.01
N ALA A 238 -21.49 4.37 15.04
CA ALA A 238 -21.95 4.52 16.42
C ALA A 238 -21.06 5.56 17.10
N ALA A 239 -21.51 6.11 18.23
CA ALA A 239 -20.73 7.13 18.95
C ALA A 239 -19.49 6.56 19.71
N THR A 240 -18.72 7.48 20.29
CA THR A 240 -17.48 7.22 21.00
C THR A 240 -17.30 8.02 22.32
N ASN A 241 -16.58 7.46 23.30
CA ASN A 241 -16.13 8.23 24.47
C ASN A 241 -14.70 8.66 24.26
N PRO A 242 -14.37 9.89 24.65
CA PRO A 242 -13.01 10.34 24.54
C PRO A 242 -12.19 9.88 25.76
N VAL A 243 -10.97 9.44 25.52
CA VAL A 243 -10.04 9.22 26.59
C VAL A 243 -8.91 10.15 26.34
N THR A 244 -8.55 10.93 27.36
CA THR A 244 -7.50 11.94 27.32
C THR A 244 -6.26 11.41 27.99
N ASN A 245 -5.14 11.98 27.59
CA ASN A 245 -3.82 11.44 27.96
C ASN A 245 -3.61 11.34 29.47
N PHE A 246 -3.41 10.10 29.93
CA PHE A 246 -3.20 9.84 31.34
C PHE A 246 -1.82 9.24 31.63
N TYR A 247 -0.92 9.34 30.67
CA TYR A 247 0.46 8.96 30.88
C TYR A 247 1.39 10.15 31.14
N GLY A 248 0.88 11.38 30.94
CA GLY A 248 1.68 12.60 31.13
C GLY A 248 2.95 12.63 30.28
N ASN A 249 2.86 12.12 29.06
CA ASN A 249 3.98 12.04 28.14
C ASN A 249 3.94 13.20 27.19
N GLY A 250 3.13 14.21 27.49
CA GLY A 250 3.06 15.38 26.64
C GLY A 250 2.41 15.30 25.25
N SER A 251 1.98 14.10 24.80
CA SER A 251 1.15 14.02 23.61
C SER A 251 -0.15 14.76 23.82
N LYS A 252 -0.49 15.62 22.89
CA LYS A 252 -1.77 16.34 22.96
C LYS A 252 -2.67 15.46 22.13
N GLY A 253 -3.94 15.71 21.96
CA GLY A 253 -4.63 14.69 21.13
C GLY A 253 -5.14 13.50 21.89
N ILE A 254 -6.16 12.86 21.33
CA ILE A 254 -7.20 12.12 22.11
C ILE A 254 -7.63 10.78 21.51
N GLU A 255 -7.88 9.79 22.38
CA GLU A 255 -8.35 8.51 21.87
C GLU A 255 -9.87 8.59 21.93
N TYR A 256 -10.51 8.38 20.80
CA TYR A 256 -11.94 8.25 20.74
C TYR A 256 -12.23 6.75 20.71
N VAL A 257 -12.90 6.26 21.72
CA VAL A 257 -13.07 4.82 21.87
C VAL A 257 -14.53 4.48 21.67
N SER A 258 -14.83 3.30 21.14
CA SER A 258 -16.22 2.98 20.88
C SER A 258 -17.02 2.82 22.18
N LYS A 259 -18.29 3.20 22.10
CA LYS A 259 -19.17 3.08 23.23
C LYS A 259 -19.58 1.64 23.38
N GLY A 260 -19.74 0.95 22.25
CA GLY A 260 -20.11 -0.45 22.26
C GLY A 260 -18.94 -1.36 21.91
N THR A 261 -19.10 -2.62 22.26
CA THR A 261 -18.13 -3.65 21.94
C THR A 261 -18.55 -4.47 20.70
N THR A 262 -17.69 -5.37 20.30
CA THR A 262 -17.95 -6.21 19.15
C THR A 262 -17.61 -7.62 19.53
N LYS A 263 -18.52 -8.56 19.33
CA LYS A 263 -18.18 -9.92 19.68
C LYS A 263 -17.08 -10.34 18.78
N GLY A 264 -15.92 -10.58 19.35
CA GLY A 264 -14.80 -11.08 18.57
C GLY A 264 -14.10 -9.93 17.92
N VAL A 265 -13.33 -10.24 16.87
CA VAL A 265 -12.53 -9.25 16.15
C VAL A 265 -13.09 -9.05 14.76
N THR A 266 -13.33 -7.82 14.35
CA THR A 266 -13.86 -7.54 13.01
C THR A 266 -13.27 -6.27 12.42
N LYS A 267 -13.44 -6.12 11.10
CA LYS A 267 -13.21 -4.88 10.38
C LYS A 267 -13.98 -3.79 11.02
N HIS A 268 -13.50 -2.56 10.94
CA HIS A 268 -14.24 -1.42 11.44
C HIS A 268 -14.08 -0.25 10.54
N THR A 269 -15.00 0.70 10.62
CA THR A 269 -14.99 1.89 9.77
C THR A 269 -15.09 3.07 10.64
N ILE A 270 -13.99 3.79 10.77
CA ILE A 270 -13.90 4.94 11.66
C ILE A 270 -14.02 6.19 10.81
N THR A 271 -14.84 7.14 11.25
CA THR A 271 -15.03 8.39 10.53
C THR A 271 -15.13 9.57 11.50
N PHE A 272 -14.71 10.73 11.02
CA PHE A 272 -14.75 11.98 11.77
C PHE A 272 -14.53 13.16 10.83
N ASP A 273 -14.76 14.36 11.35
CA ASP A 273 -14.69 15.59 10.61
C ASP A 273 -13.66 16.48 11.28
N THR A 274 -13.02 17.36 10.52
CA THR A 274 -12.10 18.30 11.07
C THR A 274 -12.26 19.57 10.31
N ALA A 275 -12.58 20.67 10.97
CA ALA A 275 -12.70 21.96 10.25
C ALA A 275 -11.30 22.51 9.89
N PHE A 276 -11.15 23.00 8.66
CA PHE A 276 -9.85 23.50 8.18
C PHE A 276 -9.97 24.96 7.76
N SER A 277 -9.22 25.86 8.38
CA SER A 277 -9.41 27.30 8.19
C SER A 277 -8.47 27.91 7.14
N GLY A 278 -7.84 27.08 6.32
CA GLY A 278 -6.95 27.57 5.29
C GLY A 278 -7.59 27.42 3.93
N ARG A 279 -6.94 27.97 2.91
CA ARG A 279 -7.35 27.77 1.53
C ARG A 279 -6.72 26.49 1.00
N ALA A 280 -7.12 26.05 -0.18
CA ALA A 280 -6.59 24.82 -0.72
C ALA A 280 -5.06 24.74 -0.65
N ASN A 281 -4.38 25.82 -1.00
CA ASN A 281 -2.93 25.85 -1.08
C ASN A 281 -2.25 25.47 0.21
N ASP A 282 -2.90 25.79 1.33
CA ASP A 282 -2.35 25.50 2.65
C ASP A 282 -2.47 24.05 3.01
N LEU A 283 -3.07 23.25 2.15
CA LEU A 283 -3.10 21.84 2.42
C LEU A 283 -1.71 21.28 2.31
N ALA A 284 -0.72 22.03 1.81
CA ALA A 284 0.67 21.54 1.74
C ALA A 284 1.30 21.42 3.13
N ASP A 285 0.55 21.88 4.14
CA ASP A 285 1.00 21.93 5.54
C ASP A 285 0.03 21.32 6.54
N LEU A 286 -0.94 20.58 6.05
CA LEU A 286 -1.88 19.86 6.88
C LEU A 286 -1.18 18.76 7.64
N GLU A 287 -1.16 18.88 8.95
CA GLU A 287 -0.52 17.90 9.77
C GLU A 287 -1.54 17.24 10.71
N ILE A 288 -1.74 15.95 10.55
CA ILE A 288 -2.69 15.24 11.39
C ILE A 288 -2.25 13.81 11.53
N LYS A 289 -2.47 13.22 12.71
CA LYS A 289 -2.00 11.85 12.96
C LYS A 289 -3.14 11.01 13.41
N MSE A 290 -3.21 9.76 12.93
CA MSE A 290 -4.31 8.87 13.24
C MSE A 290 -3.83 7.46 13.51
O MSE A 290 -3.08 6.91 12.72
CB MSE A 290 -5.20 8.75 12.05
CG MSE A 290 -5.39 10.01 11.34
SE MSE A 290 -6.44 9.80 9.74
CE MSE A 290 -6.35 11.66 9.26
N LEU A 291 -4.25 6.85 14.62
CA LEU A 291 -3.86 5.48 14.92
C LEU A 291 -5.02 4.66 15.44
N ALA A 292 -5.35 3.64 14.69
CA ALA A 292 -6.45 2.75 15.05
C ALA A 292 -5.92 1.74 16.05
N ALA A 293 -6.67 1.42 17.10
CA ALA A 293 -6.24 0.33 17.98
C ALA A 293 -7.40 -0.54 18.33
N THR A 294 -7.13 -1.80 18.67
CA THR A 294 -8.10 -2.64 19.31
C THR A 294 -7.66 -2.93 20.74
N THR A 295 -8.61 -3.03 21.68
CA THR A 295 -8.34 -3.68 22.98
C THR A 295 -9.27 -4.86 23.19
N LEU A 296 -8.76 -5.90 23.83
CA LEU A 296 -9.48 -7.13 24.03
C LEU A 296 -10.53 -7.03 25.09
N SER A 297 -10.43 -6.12 26.05
CA SER A 297 -11.52 -6.05 27.03
C SER A 297 -11.79 -4.70 27.62
N ASP A 298 -10.73 -3.91 27.77
CA ASP A 298 -10.75 -2.66 28.50
C ASP A 298 -11.01 -1.48 27.58
N PRO A 299 -12.01 -0.64 27.90
CA PRO A 299 -12.34 0.56 27.10
C PRO A 299 -11.54 1.83 27.42
N HIS A 300 -10.63 1.74 28.38
CA HIS A 300 -9.86 2.89 28.78
C HIS A 300 -8.44 2.75 28.31
N PHE A 301 -8.16 3.30 27.15
CA PHE A 301 -6.81 3.20 26.62
C PHE A 301 -6.38 4.42 25.81
N TYR A 302 -5.07 4.65 25.75
CA TYR A 302 -4.56 5.80 25.03
C TYR A 302 -3.35 5.32 24.30
N GLU A 303 -3.51 5.01 23.01
CA GLU A 303 -2.44 4.53 22.17
C GLU A 303 -2.23 5.60 21.13
N ASP A 304 -1.44 6.59 21.58
CA ASP A 304 -0.77 7.57 20.72
C ASP A 304 0.32 6.75 20.16
N GLY A 305 1.20 7.29 19.36
CA GLY A 305 2.25 6.39 18.84
C GLY A 305 3.56 6.60 19.52
N SER A 306 3.54 6.92 20.81
CA SER A 306 4.71 7.54 21.36
C SER A 306 5.87 6.58 21.53
N LYS A 307 5.61 5.29 21.67
CA LYS A 307 6.67 4.29 21.73
C LYS A 307 6.65 3.59 20.41
N GLY A 308 7.81 3.21 19.88
CA GLY A 308 7.86 2.55 18.58
C GLY A 308 9.25 2.23 18.11
N ASN A 309 9.39 1.56 16.98
CA ASN A 309 10.71 1.21 16.45
C ASN A 309 10.58 0.89 14.97
N TYR A 310 11.63 0.33 14.35
CA TYR A 310 11.64 0.11 12.94
C TYR A 310 11.85 -1.34 12.52
N GLY A 311 11.12 -1.76 11.48
CA GLY A 311 11.26 -3.08 10.88
C GLY A 311 11.37 -3.00 9.35
N ARG A 312 10.88 -4.04 8.66
CA ARG A 312 10.85 -4.09 7.18
C ARG A 312 9.43 -4.40 6.77
N TYR A 313 8.89 -3.67 5.79
CA TYR A 313 7.59 -4.01 5.14
C TYR A 313 7.65 -3.62 3.67
N ASN A 314 7.47 -4.63 2.81
CA ASN A 314 7.83 -4.58 1.42
C ASN A 314 9.20 -4.00 1.31
N GLY A 315 10.11 -4.50 2.16
CA GLY A 315 11.56 -4.24 2.01
C GLY A 315 11.97 -2.77 2.17
N GLN A 316 11.34 -2.09 3.14
CA GLN A 316 11.65 -0.69 3.40
C GLN A 316 12.35 -0.62 4.78
N THR A 317 12.07 0.42 5.53
CA THR A 317 12.39 0.46 6.91
C THR A 317 11.14 1.14 7.32
N ALA A 318 10.26 0.34 7.88
CA ALA A 318 8.93 0.76 8.19
C ALA A 318 8.83 0.91 9.69
N PRO A 319 8.41 2.06 10.14
CA PRO A 319 8.24 2.20 11.57
C PRO A 319 7.04 1.42 12.09
N TYR A 320 7.15 0.89 13.30
CA TYR A 320 6.00 0.25 13.90
C TYR A 320 5.73 0.78 15.26
N VAL A 321 4.47 0.66 15.70
CA VAL A 321 4.06 1.09 17.06
C VAL A 321 4.16 0.01 18.14
N ILE A 322 4.64 0.43 19.30
CA ILE A 322 4.63 -0.42 20.49
C ILE A 322 3.52 0.09 21.41
N ALA A 323 2.72 -0.85 21.91
CA ALA A 323 1.57 -0.44 22.64
C ALA A 323 2.03 0.16 23.93
N ASN A 324 1.30 1.15 24.41
CA ASN A 324 1.60 1.76 25.70
C ASN A 324 1.22 0.80 26.82
N ASP A 325 0.14 0.08 26.60
CA ASP A 325 -0.34 -0.91 27.51
C ASP A 325 -1.01 -2.06 26.76
N SER A 326 -2.33 -1.97 26.65
CA SER A 326 -3.18 -3.12 26.42
C SER A 326 -3.80 -3.05 25.03
N GLY A 327 -3.46 -1.98 24.32
CA GLY A 327 -3.84 -1.83 22.94
C GLY A 327 -3.08 -2.82 22.08
N THR A 328 -3.68 -3.17 20.96
CA THR A 328 -3.07 -4.10 20.04
C THR A 328 -3.57 -3.79 18.63
N ALA A 329 -2.99 -4.49 17.65
CA ALA A 329 -3.23 -4.22 16.23
C ALA A 329 -3.23 -2.73 15.93
N ILE A 330 -2.26 -2.00 16.45
CA ILE A 330 -2.21 -0.57 16.18
C ILE A 330 -1.57 -0.23 14.86
N GLY A 331 -2.13 0.71 14.13
CA GLY A 331 -1.51 1.19 12.90
C GLY A 331 -2.15 2.48 12.52
N GLY A 332 -1.58 3.16 11.53
CA GLY A 332 -2.09 4.47 11.21
C GLY A 332 -1.16 5.28 10.39
N TYR A 333 -1.41 6.57 10.34
CA TYR A 333 -0.69 7.40 9.42
C TYR A 333 -0.55 8.75 9.99
N GLN A 334 0.54 9.42 9.64
CA GLN A 334 0.75 10.82 10.01
C GLN A 334 0.74 11.59 8.72
N VAL A 335 -0.12 12.59 8.58
CA VAL A 335 -0.10 13.39 7.39
C VAL A 335 0.79 14.57 7.60
N SER A 336 1.57 14.93 6.59
CA SER A 336 2.40 16.11 6.75
C SER A 336 2.51 16.76 5.41
N GLY A 337 1.34 17.20 4.95
CA GLY A 337 1.17 17.86 3.68
C GLY A 337 0.56 16.93 2.64
N VAL A 338 -0.41 17.47 1.93
CA VAL A 338 -1.00 16.85 0.80
C VAL A 338 -0.03 17.06 -0.32
N ASN A 339 0.28 16.01 -1.07
CA ASN A 339 1.32 16.03 -2.08
C ASN A 339 1.10 17.21 -2.98
N ALA A 340 2.17 17.92 -3.28
CA ALA A 340 2.07 19.16 -4.08
C ALA A 340 1.10 19.08 -5.28
N ASP A 341 1.02 17.93 -5.93
CA ASP A 341 0.28 17.85 -7.19
C ASP A 341 -1.04 17.10 -7.08
N SER A 342 -1.47 16.85 -5.86
CA SER A 342 -2.83 16.40 -5.65
C SER A 342 -3.67 17.54 -5.09
N ILE A 343 -3.04 18.66 -4.76
CA ILE A 343 -3.76 19.86 -4.31
C ILE A 343 -4.63 20.39 -5.44
N PRO A 344 -5.88 20.74 -5.13
CA PRO A 344 -6.83 21.18 -6.13
C PRO A 344 -6.88 22.67 -6.45
N SER A 345 -7.63 22.92 -7.52
CA SER A 345 -7.66 24.14 -8.27
C SER A 345 -7.83 25.49 -7.50
N ASP A 346 -8.62 25.55 -6.41
CA ASP A 346 -8.95 26.86 -5.70
C ASP A 346 -8.70 28.16 -6.52
N THR B 147 -6.45 -27.62 -3.30
CA THR B 147 -7.35 -26.46 -3.46
C THR B 147 -6.46 -25.19 -3.45
N LYS B 148 -7.09 -24.02 -3.56
CA LYS B 148 -6.37 -22.80 -3.99
C LYS B 148 -6.22 -21.73 -2.92
N THR B 149 -5.17 -20.93 -3.00
CA THR B 149 -5.01 -19.85 -2.05
C THR B 149 -4.68 -18.56 -2.79
N THR B 150 -5.27 -17.44 -2.40
CA THR B 150 -4.92 -16.21 -3.06
C THR B 150 -3.92 -15.44 -2.20
N PHE B 151 -2.82 -15.04 -2.83
CA PHE B 151 -1.84 -14.20 -2.19
C PHE B 151 -1.94 -12.83 -2.77
N THR B 152 -1.68 -11.80 -1.96
CA THR B 152 -1.59 -10.44 -2.45
C THR B 152 -0.31 -9.89 -1.86
N ILE B 153 0.04 -8.65 -2.22
CA ILE B 153 1.31 -8.02 -1.84
C ILE B 153 1.47 -8.23 -0.38
N SER B 154 0.41 -8.02 0.37
CA SER B 154 0.60 -8.05 1.82
C SER B 154 1.00 -9.43 2.34
N ASP B 155 0.99 -10.42 1.46
CA ASP B 155 1.47 -11.76 1.82
C ASP B 155 2.95 -11.92 1.45
N PHE B 156 3.59 -10.88 0.92
CA PHE B 156 5.02 -10.93 0.68
C PHE B 156 5.81 -9.91 1.44
N SER B 157 5.16 -9.03 2.20
CA SER B 157 5.80 -8.03 3.06
C SER B 157 7.25 -8.32 3.46
N ASN B 158 7.46 -9.51 4.02
CA ASN B 158 8.65 -9.73 4.78
C ASN B 158 9.86 -9.77 3.93
N GLY B 159 9.80 -10.56 2.89
CA GLY B 159 10.92 -10.59 1.98
C GLY B 159 10.58 -9.77 0.79
N GLY B 160 11.59 -9.24 0.13
CA GLY B 160 11.32 -8.52 -1.14
C GLY B 160 10.45 -7.23 -1.10
N THR B 161 10.38 -6.60 -2.26
CA THR B 161 10.57 -5.19 -2.41
C THR B 161 9.58 -4.63 -3.38
N GLN B 162 8.96 -3.51 -3.04
CA GLN B 162 8.09 -2.82 -3.98
C GLN B 162 8.93 -1.77 -4.63
N TYR B 163 8.62 -1.47 -5.89
CA TYR B 163 9.44 -0.55 -6.70
C TYR B 163 8.57 0.58 -7.27
N TYR B 164 9.05 1.82 -7.17
CA TYR B 164 8.22 2.94 -7.52
C TYR B 164 8.77 3.64 -8.74
N TRP B 165 8.14 4.72 -9.13
CA TRP B 165 8.65 5.52 -10.24
C TRP B 165 8.80 6.95 -9.81
N ALA B 166 10.01 7.48 -9.86
CA ALA B 166 10.24 8.93 -9.88
C ALA B 166 10.36 9.11 -11.32
N GLY B 167 9.91 10.24 -11.85
CA GLY B 167 10.13 10.51 -13.27
C GLY B 167 11.35 11.37 -13.36
N GLY B 168 11.14 12.64 -13.60
CA GLY B 168 12.21 13.61 -13.41
C GLY B 168 12.30 14.15 -11.97
N ASN B 169 11.78 13.38 -10.98
CA ASN B 169 11.61 13.91 -9.62
C ASN B 169 11.61 12.87 -8.53
N ALA B 170 12.80 12.53 -8.05
CA ALA B 170 12.96 11.62 -6.93
C ALA B 170 12.25 12.08 -5.63
N ASN B 171 11.71 13.30 -5.62
CA ASN B 171 10.98 13.75 -4.46
C ASN B 171 9.49 13.61 -4.63
N ASN B 172 9.07 13.01 -5.74
CA ASN B 172 7.66 12.83 -6.01
C ASN B 172 7.37 11.44 -6.50
N LEU B 173 7.70 10.46 -5.66
CA LEU B 173 7.60 9.07 -6.08
C LEU B 173 6.15 8.71 -6.19
N LYS B 174 5.90 7.80 -7.14
CA LYS B 174 4.57 7.34 -7.48
C LYS B 174 4.57 5.84 -7.73
N ASN B 175 3.45 5.21 -7.35
CA ASN B 175 3.23 3.76 -7.45
C ASN B 175 2.21 3.46 -8.51
N PRO B 176 2.65 2.84 -9.58
CA PRO B 176 1.72 2.51 -10.63
C PRO B 176 1.10 1.12 -10.48
N ILE B 177 1.35 0.44 -9.36
CA ILE B 177 0.73 -0.84 -9.15
C ILE B 177 -0.47 -0.72 -8.17
N SER B 178 -1.69 -0.87 -8.68
CA SER B 178 -2.86 -0.99 -7.80
C SER B 178 -2.78 -2.25 -6.99
N SER B 179 -2.35 -3.37 -7.55
CA SER B 179 -2.42 -4.63 -6.81
C SER B 179 -1.69 -5.77 -7.51
N ILE B 180 -1.17 -6.72 -6.74
CA ILE B 180 -0.73 -7.95 -7.32
C ILE B 180 -1.40 -9.04 -6.55
N SER B 181 -1.75 -10.11 -7.24
CA SER B 181 -2.57 -11.15 -6.69
C SER B 181 -2.15 -12.43 -7.38
N ALA B 182 -1.86 -13.47 -6.60
CA ALA B 182 -1.41 -14.76 -7.12
C ALA B 182 -2.31 -15.87 -6.59
N VAL B 183 -2.86 -16.68 -7.49
CA VAL B 183 -3.67 -17.83 -7.07
C VAL B 183 -2.84 -19.10 -7.22
N TYR B 184 -2.54 -19.74 -6.10
CA TYR B 184 -1.70 -20.92 -6.08
C TYR B 184 -2.59 -22.11 -5.85
N ASP B 185 -2.49 -23.11 -6.73
CA ASP B 185 -3.20 -24.39 -6.57
C ASP B 185 -2.25 -25.43 -5.95
N SER B 186 -2.54 -25.91 -4.74
CA SER B 186 -1.65 -26.90 -4.12
C SER B 186 -1.66 -28.23 -4.87
N ALA B 187 -2.73 -28.59 -5.56
CA ALA B 187 -2.74 -29.87 -6.29
C ALA B 187 -1.85 -29.87 -7.53
N THR B 188 -1.81 -28.79 -8.29
CA THR B 188 -1.01 -28.83 -9.51
C THR B 188 0.26 -28.04 -9.37
N GLY B 189 0.28 -27.06 -8.49
CA GLY B 189 1.46 -26.22 -8.40
C GLY B 189 1.38 -25.02 -9.32
N LYS B 190 0.29 -24.90 -10.06
CA LYS B 190 0.09 -23.74 -10.88
C LYS B 190 -0.13 -22.49 -10.06
N ILE B 191 0.56 -21.41 -10.44
CA ILE B 191 0.28 -20.08 -9.88
C ILE B 191 -0.16 -19.20 -10.99
N SER B 192 -1.27 -18.48 -10.77
CA SER B 192 -1.84 -17.55 -11.74
C SER B 192 -1.76 -16.16 -11.22
N TRP B 193 -1.01 -15.31 -11.91
CA TRP B 193 -0.73 -13.96 -11.45
C TRP B 193 -1.67 -12.99 -12.08
N THR B 194 -1.93 -11.90 -11.39
CA THR B 194 -2.67 -10.78 -11.90
C THR B 194 -2.01 -9.54 -11.35
N VAL B 195 -1.57 -8.68 -12.23
CA VAL B 195 -1.07 -7.39 -11.85
C VAL B 195 -1.99 -6.33 -12.37
N GLU B 196 -2.39 -5.42 -11.52
CA GLU B 196 -3.25 -4.33 -11.91
C GLU B 196 -2.38 -3.15 -11.96
N TYR B 197 -2.04 -2.73 -13.19
CA TYR B 197 -1.18 -1.59 -13.52
C TYR B 197 -2.02 -0.33 -13.82
N ASP B 198 -1.73 0.78 -13.16
CA ASP B 198 -2.39 2.05 -13.43
C ASP B 198 -1.42 3.20 -13.64
N PRO B 199 -0.97 3.39 -14.86
CA PRO B 199 -0.05 4.47 -15.12
C PRO B 199 -0.73 5.82 -15.30
N THR B 200 -2.04 5.79 -15.23
CA THR B 200 -2.92 6.93 -15.36
C THR B 200 -2.51 8.11 -14.56
N THR B 201 -1.93 7.91 -13.38
CA THR B 201 -1.64 9.10 -12.55
C THR B 201 -0.25 9.70 -12.89
N ILE B 202 0.72 8.82 -13.14
CA ILE B 202 2.01 9.27 -13.64
C ILE B 202 1.89 9.99 -14.99
N LEU B 203 1.11 9.41 -15.90
CA LEU B 203 0.88 9.95 -17.24
C LEU B 203 -0.47 10.69 -17.32
N LYS B 204 -0.64 11.62 -16.40
CA LYS B 204 -1.76 12.55 -16.34
C LYS B 204 -1.99 13.26 -17.66
N SER B 205 -0.92 13.75 -18.30
CA SER B 205 -1.10 14.81 -19.33
C SER B 205 -2.07 14.50 -20.46
N PRO B 206 -2.87 15.48 -20.85
CA PRO B 206 -3.76 15.39 -21.95
C PRO B 206 -3.05 15.43 -23.29
N ALA B 207 -1.80 15.87 -23.31
CA ALA B 207 -1.05 15.85 -24.55
C ALA B 207 -0.85 14.43 -25.00
N LEU B 208 -1.14 13.46 -24.14
CA LEU B 208 -0.87 12.05 -24.41
C LEU B 208 -2.05 11.33 -25.05
N LYS B 209 -3.22 11.97 -25.02
CA LYS B 209 -4.48 11.30 -25.41
C LYS B 209 -4.42 10.72 -26.82
N THR B 210 -3.68 11.37 -27.73
CA THR B 210 -3.72 10.95 -29.14
C THR B 210 -2.76 9.80 -29.39
N LEU B 211 -1.95 9.42 -28.39
CA LEU B 211 -0.84 8.49 -28.63
C LEU B 211 -1.30 7.04 -28.70
N LYS B 212 -0.47 6.18 -29.26
CA LYS B 212 -0.79 4.79 -29.35
C LYS B 212 0.18 3.99 -28.50
N THR B 213 -0.20 3.84 -27.24
CA THR B 213 0.69 3.35 -26.20
C THR B 213 0.73 1.86 -26.12
N TYR B 214 1.88 1.35 -25.73
CA TYR B 214 2.10 -0.07 -25.54
C TYR B 214 2.27 -0.31 -24.05
N THR B 215 1.78 -1.47 -23.57
CA THR B 215 2.08 -1.87 -22.21
C THR B 215 2.96 -3.10 -22.18
N GLY B 216 3.75 -3.24 -21.13
CA GLY B 216 4.62 -4.40 -21.02
C GLY B 216 4.89 -4.86 -19.59
N ILE B 217 5.20 -6.12 -19.47
CA ILE B 217 5.46 -6.66 -18.16
C ILE B 217 6.77 -7.39 -18.24
N TYR B 218 7.77 -6.99 -17.48
CA TYR B 218 9.05 -7.70 -17.49
C TYR B 218 8.87 -8.66 -16.37
N ILE B 219 9.24 -9.92 -16.61
CA ILE B 219 9.13 -10.97 -15.59
C ILE B 219 10.39 -11.80 -15.56
N ASP B 220 10.87 -12.10 -14.38
CA ASP B 220 12.10 -12.90 -14.26
C ASP B 220 11.86 -14.01 -13.26
N THR B 221 11.99 -15.25 -13.72
CA THR B 221 11.83 -16.39 -12.84
C THR B 221 13.12 -17.19 -12.67
N SER B 222 14.23 -16.55 -12.99
CA SER B 222 15.48 -17.26 -13.16
C SER B 222 16.20 -17.57 -11.84
N SER B 223 15.90 -16.83 -10.78
CA SER B 223 16.50 -17.12 -9.48
C SER B 223 15.84 -18.30 -8.78
N ASP B 224 14.67 -18.71 -9.27
CA ASP B 224 14.04 -19.91 -8.75
C ASP B 224 14.08 -21.01 -9.77
N SER B 225 14.64 -22.11 -9.28
CA SER B 225 14.79 -23.30 -10.06
C SER B 225 13.51 -24.10 -10.01
N LYS B 226 12.61 -23.75 -9.11
CA LYS B 226 11.36 -24.48 -8.96
C LYS B 226 10.25 -23.79 -9.72
N LEU B 227 10.49 -22.56 -10.11
CA LEU B 227 9.55 -21.77 -10.87
C LEU B 227 10.06 -21.63 -12.27
N SER B 228 9.18 -22.00 -13.18
CA SER B 228 9.50 -22.12 -14.59
C SER B 228 9.17 -20.78 -15.21
N THR B 229 9.60 -20.55 -16.45
CA THR B 229 9.24 -19.30 -17.13
C THR B 229 7.72 -19.22 -17.22
N PRO B 230 7.18 -18.03 -17.46
CA PRO B 230 5.75 -17.87 -17.49
C PRO B 230 5.08 -18.22 -18.82
N THR B 231 3.82 -18.63 -18.73
CA THR B 231 3.08 -19.01 -19.90
C THR B 231 1.86 -18.14 -19.94
N ASN B 232 1.18 -18.17 -21.09
CA ASN B 232 -0.11 -17.54 -21.29
C ASN B 232 -0.12 -16.10 -20.80
N VAL B 233 0.92 -15.37 -21.15
CA VAL B 233 1.05 -14.00 -20.65
C VAL B 233 0.12 -13.07 -21.42
N LEU B 234 -0.84 -12.49 -20.73
CA LEU B 234 -1.82 -11.68 -21.43
C LEU B 234 -1.89 -10.32 -20.83
N ILE B 235 -2.23 -9.33 -21.64
CA ILE B 235 -2.57 -7.98 -21.16
C ILE B 235 -3.94 -7.63 -21.68
N ASP B 236 -4.80 -7.16 -20.79
CA ASP B 236 -6.19 -6.88 -21.12
C ASP B 236 -6.88 -8.05 -21.87
N GLY B 237 -6.45 -9.27 -21.56
CA GLY B 237 -6.95 -10.46 -22.24
C GLY B 237 -6.41 -10.72 -23.66
N ALA B 238 -5.47 -9.87 -24.10
CA ALA B 238 -4.89 -9.95 -25.45
C ALA B 238 -3.49 -10.48 -25.40
N ALA B 239 -3.01 -11.03 -26.52
CA ALA B 239 -1.65 -11.61 -26.59
C ALA B 239 -0.50 -10.59 -26.48
N THR B 240 0.72 -11.13 -26.32
CA THR B 240 1.94 -10.34 -26.15
C THR B 240 3.06 -10.92 -27.01
N ASN B 241 4.01 -10.08 -27.42
CA ASN B 241 5.27 -10.51 -28.03
C ASN B 241 6.33 -10.44 -26.97
N PRO B 242 7.18 -11.48 -26.86
CA PRO B 242 8.33 -11.43 -25.96
C PRO B 242 9.44 -10.61 -26.59
N VAL B 243 10.04 -9.74 -25.77
CA VAL B 243 11.28 -9.08 -26.12
C VAL B 243 12.36 -9.64 -25.20
N THR B 244 13.49 -10.04 -25.75
CA THR B 244 14.56 -10.58 -24.93
C THR B 244 15.64 -9.51 -24.78
N ASN B 245 16.44 -9.68 -23.73
CA ASN B 245 17.45 -8.69 -23.37
C ASN B 245 18.42 -8.35 -24.50
N PHE B 246 18.37 -7.11 -24.95
CA PHE B 246 19.26 -6.62 -25.99
C PHE B 246 20.24 -5.54 -25.49
N TYR B 247 20.41 -5.42 -24.18
CA TYR B 247 21.43 -4.55 -23.61
C TYR B 247 22.68 -5.33 -23.17
N GLY B 248 22.61 -6.66 -23.09
CA GLY B 248 23.74 -7.48 -22.63
C GLY B 248 24.19 -7.16 -21.20
N ASN B 249 23.23 -6.83 -20.35
CA ASN B 249 23.49 -6.46 -18.96
C ASN B 249 23.26 -7.67 -18.08
N GLY B 250 23.13 -8.85 -18.67
CA GLY B 250 23.04 -10.08 -17.91
C GLY B 250 21.77 -10.37 -17.12
N SER B 251 20.81 -9.47 -17.17
CA SER B 251 19.46 -9.79 -16.69
C SER B 251 18.91 -10.93 -17.50
N LYS B 252 18.46 -11.97 -16.83
CA LYS B 252 17.81 -13.07 -17.54
C LYS B 252 16.36 -12.69 -17.53
N GLY B 253 15.43 -13.39 -18.13
CA GLY B 253 14.06 -12.83 -17.99
C GLY B 253 13.67 -11.82 -19.04
N ILE B 254 12.38 -11.65 -19.23
CA ILE B 254 11.83 -11.20 -20.54
C ILE B 254 10.71 -10.18 -20.43
N GLU B 255 10.67 -9.24 -21.37
CA GLU B 255 9.57 -8.25 -21.39
C GLU B 255 8.54 -8.82 -22.33
N TYR B 256 7.33 -8.99 -21.83
CA TYR B 256 6.19 -9.38 -22.64
C TYR B 256 5.40 -8.13 -22.98
N VAL B 257 5.41 -7.77 -24.24
CA VAL B 257 4.82 -6.49 -24.65
C VAL B 257 3.48 -6.70 -25.32
N SER B 258 2.57 -5.77 -25.24
CA SER B 258 1.30 -6.01 -25.87
C SER B 258 1.38 -6.02 -27.38
N LYS B 259 0.58 -6.86 -28.00
CA LYS B 259 0.55 -6.90 -29.43
C LYS B 259 -0.15 -5.66 -29.92
N GLY B 260 -1.17 -5.24 -29.20
CA GLY B 260 -1.97 -4.10 -29.62
C GLY B 260 -1.65 -2.88 -28.80
N THR B 261 -1.98 -1.72 -29.35
CA THR B 261 -1.82 -0.49 -28.64
C THR B 261 -3.12 -0.01 -27.99
N THR B 262 -3.00 1.05 -27.20
CA THR B 262 -4.12 1.66 -26.48
C THR B 262 -4.19 3.16 -26.80
N LYS B 263 -5.33 3.67 -27.29
CA LYS B 263 -5.41 5.11 -27.58
C LYS B 263 -5.28 5.79 -26.26
N GLY B 264 -4.17 6.47 -26.09
CA GLY B 264 -3.98 7.21 -24.87
C GLY B 264 -3.47 6.28 -23.83
N VAL B 265 -3.61 6.71 -22.57
CA VAL B 265 -3.08 5.97 -21.42
C VAL B 265 -4.23 5.41 -20.59
N THR B 266 -4.17 4.14 -20.25
CA THR B 266 -5.25 3.57 -19.45
C THR B 266 -4.74 2.58 -18.42
N LYS B 267 -5.60 2.25 -17.46
CA LYS B 267 -5.39 1.06 -16.62
C LYS B 267 -5.14 -0.17 -17.47
N HIS B 268 -4.47 -1.16 -16.92
CA HIS B 268 -4.30 -2.39 -17.64
C HIS B 268 -4.23 -3.53 -16.68
N THR B 269 -4.55 -4.73 -17.15
CA THR B 269 -4.63 -5.91 -16.35
C THR B 269 -3.77 -6.97 -16.95
N ILE B 270 -2.61 -7.18 -16.36
CA ILE B 270 -1.64 -8.11 -16.88
C ILE B 270 -1.85 -9.42 -16.14
N THR B 271 -1.80 -10.54 -16.86
CA THR B 271 -1.95 -11.88 -16.25
C THR B 271 -1.05 -12.89 -16.88
N PHE B 272 -0.63 -13.85 -16.08
CA PHE B 272 0.20 -14.93 -16.58
C PHE B 272 0.20 -16.07 -15.57
N ASP B 273 0.79 -17.18 -15.96
CA ASP B 273 0.81 -18.40 -15.16
C ASP B 273 2.27 -18.79 -15.04
N THR B 274 2.63 -19.44 -13.93
CA THR B 274 3.98 -19.95 -13.75
C THR B 274 3.86 -21.28 -13.06
N ALA B 275 4.34 -22.35 -13.68
CA ALA B 275 4.30 -23.66 -13.01
C ALA B 275 5.37 -23.72 -11.88
N PHE B 276 4.99 -24.24 -10.72
CA PHE B 276 5.87 -24.30 -9.55
C PHE B 276 6.01 -25.75 -9.18
N SER B 277 7.24 -26.25 -9.09
CA SER B 277 7.48 -27.69 -8.84
C SER B 277 7.71 -28.10 -7.38
N GLY B 278 7.45 -27.20 -6.45
CA GLY B 278 7.68 -27.45 -5.02
C GLY B 278 6.38 -27.69 -4.32
N ARG B 279 6.47 -28.04 -3.05
CA ARG B 279 5.30 -28.15 -2.19
C ARG B 279 5.01 -26.76 -1.60
N ALA B 280 3.92 -26.66 -0.84
CA ALA B 280 3.54 -25.38 -0.25
C ALA B 280 4.69 -24.77 0.57
N ASN B 281 5.34 -25.59 1.38
CA ASN B 281 6.41 -25.11 2.27
C ASN B 281 7.50 -24.38 1.55
N ASP B 282 7.75 -24.73 0.31
CA ASP B 282 8.82 -24.12 -0.48
C ASP B 282 8.45 -22.76 -1.00
N LEU B 283 7.23 -22.33 -0.76
CA LEU B 283 6.86 -21.02 -1.16
C LEU B 283 7.63 -20.01 -0.34
N ALA B 284 8.26 -20.41 0.77
CA ALA B 284 9.12 -19.48 1.55
C ALA B 284 10.37 -19.01 0.78
N ASP B 285 10.58 -19.58 -0.40
CA ASP B 285 11.73 -19.32 -1.25
C ASP B 285 11.36 -19.07 -2.72
N LEU B 286 10.10 -18.69 -2.95
CA LEU B 286 9.60 -18.25 -4.26
C LEU B 286 10.17 -16.92 -4.58
N GLU B 287 10.99 -16.84 -5.61
CA GLU B 287 11.63 -15.60 -6.01
C GLU B 287 11.22 -15.28 -7.43
N ILE B 288 10.54 -14.16 -7.63
CA ILE B 288 10.08 -13.74 -8.96
C ILE B 288 9.98 -12.25 -8.95
N LYS B 289 10.27 -11.62 -10.09
CA LYS B 289 10.24 -10.15 -10.20
C LYS B 289 9.37 -9.71 -11.33
N MSE B 290 8.65 -8.62 -11.14
CA MSE B 290 7.68 -8.16 -12.12
C MSE B 290 7.65 -6.66 -12.21
O MSE B 290 7.48 -6.01 -11.20
CB MSE B 290 6.28 -8.53 -11.70
CG MSE B 290 6.21 -9.86 -11.05
SE MSE B 290 4.45 -10.12 -10.36
CE MSE B 290 4.85 -11.91 -9.76
N LEU B 291 7.78 -6.12 -13.42
CA LEU B 291 7.74 -4.70 -13.59
C LEU B 291 6.94 -4.33 -14.77
N ALA B 292 5.89 -3.57 -14.49
CA ALA B 292 5.01 -3.07 -15.53
C ALA B 292 5.62 -1.79 -16.13
N ALA B 293 5.53 -1.65 -17.45
CA ALA B 293 5.94 -0.39 -18.09
C ALA B 293 4.97 0.03 -19.15
N THR B 294 4.96 1.33 -19.42
CA THR B 294 4.35 1.84 -20.63
C THR B 294 5.42 2.43 -21.59
N THR B 295 5.24 2.29 -22.89
CA THR B 295 5.98 3.14 -23.81
C THR B 295 5.02 3.93 -24.68
N LEU B 296 5.40 5.16 -25.03
CA LEU B 296 4.53 6.07 -25.76
C LEU B 296 4.39 5.73 -27.23
N SER B 297 5.32 5.02 -27.85
CA SER B 297 5.09 4.67 -29.24
C SER B 297 5.74 3.40 -29.68
N ASP B 298 6.89 3.08 -29.07
CA ASP B 298 7.76 1.99 -29.52
C ASP B 298 7.50 0.66 -28.80
N PRO B 299 7.29 -0.44 -29.54
CA PRO B 299 6.98 -1.73 -28.94
C PRO B 299 8.17 -2.57 -28.53
N HIS B 300 9.35 -2.03 -28.78
CA HIS B 300 10.57 -2.77 -28.56
C HIS B 300 11.26 -2.18 -27.36
N PHE B 301 10.97 -2.73 -26.19
CA PHE B 301 11.64 -2.24 -25.03
C PHE B 301 11.93 -3.30 -24.02
N TYR B 302 12.91 -3.05 -23.16
CA TYR B 302 13.26 -4.01 -22.12
C TYR B 302 13.56 -3.21 -20.90
N GLU B 303 12.59 -3.15 -20.00
CA GLU B 303 12.70 -2.44 -18.79
C GLU B 303 12.67 -3.50 -17.73
N ASP B 304 13.85 -4.06 -17.48
CA ASP B 304 14.15 -4.80 -16.27
C ASP B 304 14.31 -3.69 -15.27
N GLY B 305 14.69 -3.98 -14.05
CA GLY B 305 14.85 -2.86 -13.13
C GLY B 305 16.32 -2.58 -12.90
N SER B 306 17.15 -2.72 -13.92
CA SER B 306 18.57 -2.81 -13.63
C SER B 306 19.17 -1.49 -13.16
N LYS B 307 18.61 -0.38 -13.65
CA LYS B 307 19.03 0.94 -13.19
C LYS B 307 17.96 1.42 -12.23
N GLY B 308 18.38 2.15 -11.20
CA GLY B 308 17.47 2.64 -10.18
C GLY B 308 18.16 3.44 -9.09
N ASN B 309 17.36 3.94 -8.15
CA ASN B 309 17.84 4.67 -6.97
C ASN B 309 16.75 4.77 -5.87
N TYR B 310 16.97 5.56 -4.83
CA TYR B 310 16.08 5.55 -3.68
C TYR B 310 15.49 6.90 -3.41
N GLY B 311 14.23 6.91 -3.00
CA GLY B 311 13.54 8.13 -2.58
C GLY B 311 12.80 7.96 -1.26
N ARG B 312 11.64 8.62 -1.14
CA ARG B 312 10.74 8.47 0.01
C ARG B 312 9.34 8.19 -0.50
N TYR B 313 8.62 7.21 0.05
CA TYR B 313 7.16 7.04 -0.22
C TYR B 313 6.48 6.59 1.07
N ASN B 314 5.48 7.33 1.49
CA ASN B 314 4.96 7.21 2.83
C ASN B 314 6.13 7.16 3.80
N GLY B 315 7.10 8.04 3.58
CA GLY B 315 8.15 8.31 4.55
C GLY B 315 8.98 7.09 4.84
N GLN B 316 9.37 6.38 3.78
CA GLN B 316 10.25 5.20 3.91
C GLN B 316 11.65 5.53 3.32
N THR B 317 12.20 4.57 2.58
CA THR B 317 13.28 4.80 1.66
C THR B 317 12.88 3.76 0.68
N ALA B 318 12.24 4.22 -0.37
CA ALA B 318 11.61 3.37 -1.33
C ALA B 318 12.43 3.41 -2.61
N PRO B 319 12.83 2.26 -3.11
CA PRO B 319 13.61 2.24 -4.32
C PRO B 319 12.76 2.57 -5.51
N TYR B 320 13.32 3.29 -6.47
CA TYR B 320 12.58 3.55 -7.73
C TYR B 320 13.38 3.14 -8.92
N VAL B 321 12.69 2.84 -10.02
CA VAL B 321 13.33 2.46 -11.29
C VAL B 321 13.65 3.62 -12.23
N ILE B 322 14.81 3.52 -12.86
CA ILE B 322 15.19 4.41 -13.94
C ILE B 322 15.04 3.65 -15.24
N ALA B 323 14.41 4.30 -16.20
CA ALA B 323 14.14 3.62 -17.44
C ALA B 323 15.44 3.39 -18.13
N ASN B 324 15.51 2.25 -18.78
CA ASN B 324 16.68 1.94 -19.56
C ASN B 324 16.74 2.89 -20.77
N ASP B 325 15.57 3.12 -21.37
CA ASP B 325 15.42 3.99 -22.53
C ASP B 325 14.12 4.75 -22.42
N SER B 326 13.11 4.17 -23.08
CA SER B 326 11.94 4.89 -23.53
C SER B 326 10.72 4.45 -22.77
N GLY B 327 10.92 3.53 -21.85
CA GLY B 327 9.86 3.09 -20.98
C GLY B 327 9.53 4.18 -20.00
N THR B 328 8.34 4.13 -19.46
CA THR B 328 7.92 5.08 -18.46
C THR B 328 6.82 4.48 -17.58
N ALA B 329 6.49 5.19 -16.51
CA ALA B 329 5.60 4.73 -15.49
C ALA B 329 5.92 3.32 -15.06
N ILE B 330 7.19 3.03 -14.82
CA ILE B 330 7.57 1.71 -14.41
C ILE B 330 7.43 1.47 -12.95
N GLY B 331 6.87 0.34 -12.57
CA GLY B 331 6.83 -0.07 -11.16
C GLY B 331 6.62 -1.56 -11.07
N GLY B 332 6.62 -2.10 -9.85
CA GLY B 332 6.53 -3.52 -9.68
C GLY B 332 7.09 -4.03 -8.37
N TYR B 333 7.41 -5.31 -8.32
CA TYR B 333 7.63 -5.96 -7.08
C TYR B 333 8.52 -7.17 -7.26
N GLN B 334 9.37 -7.41 -6.29
CA GLN B 334 10.21 -8.54 -6.31
C GLN B 334 9.72 -9.38 -5.17
N VAL B 335 9.35 -10.63 -5.43
CA VAL B 335 8.96 -11.50 -4.37
C VAL B 335 10.18 -12.27 -3.93
N SER B 336 10.29 -12.47 -2.61
CA SER B 336 11.41 -13.26 -2.11
C SER B 336 10.95 -14.03 -0.90
N GLY B 337 9.97 -14.90 -1.18
CA GLY B 337 9.31 -15.70 -0.17
C GLY B 337 7.92 -15.17 0.14
N VAL B 338 6.99 -16.11 0.27
CA VAL B 338 5.70 -15.85 0.82
C VAL B 338 5.89 -15.82 2.31
N ASN B 339 5.33 -14.79 2.95
CA ASN B 339 5.46 -14.59 4.39
C ASN B 339 5.18 -15.90 5.10
N ALA B 340 6.03 -16.20 6.07
CA ALA B 340 5.94 -17.46 6.79
C ALA B 340 4.51 -17.87 7.18
N ASP B 341 3.67 -16.92 7.53
CA ASP B 341 2.38 -17.26 8.11
C ASP B 341 1.22 -17.04 7.18
N SER B 342 1.50 -16.84 5.92
CA SER B 342 0.47 -16.86 4.91
C SER B 342 0.58 -18.13 4.10
N ILE B 343 1.63 -18.92 4.33
CA ILE B 343 1.79 -20.21 3.67
C ILE B 343 0.72 -21.19 4.12
N PRO B 344 0.09 -21.93 3.18
CA PRO B 344 -1.06 -22.76 3.52
C PRO B 344 -0.79 -24.19 3.91
N SER B 345 -1.88 -24.81 4.35
CA SER B 345 -1.88 -26.04 5.12
C SER B 345 -1.06 -27.26 4.59
N ASP B 346 -1.01 -27.49 3.26
CA ASP B 346 -0.40 -28.75 2.65
C ASP B 346 -0.24 -29.97 3.65
#